data_2VC0
#
_entry.id   2VC0
#
_cell.length_a   100.875
_cell.length_b   100.875
_cell.length_c   99.271
_cell.angle_alpha   90.00
_cell.angle_beta   90.00
_cell.angle_gamma   90.00
#
_symmetry.space_group_name_H-M   'P 42 21 2'
#
loop_
_entity.id
_entity.type
_entity.pdbx_description
1 polymer 'TRANSCRIPTIONAL REGULATORY PROTEIN'
2 non-polymer LEUCINE
3 water water
#
_entity_poly.entity_id   1
_entity_poly.type   'polypeptide(L)'
_entity_poly.pdbx_seq_one_letter_code
;MNEALDDIDRILVRELAADGRATLSELATRAGLSVSAVQSRVRRLESRGVVQGYSARINPEAVGHLLSAFVAITPLDPSQ
PDDAPARLEHIEEVESCYSVAGEESYVLLVRVASARALEDLLQRIRTTANVRTRSTIILNTFYSDRQHIP
;
_entity_poly.pdbx_strand_id   A,B
#
# COMPACT_ATOMS: atom_id res chain seq x y z
N ALA A 4 -9.67 -6.54 20.71
CA ALA A 4 -9.17 -7.65 21.57
C ALA A 4 -7.78 -8.17 21.10
N LEU A 5 -6.78 -7.25 21.03
CA LEU A 5 -5.38 -7.62 20.79
C LEU A 5 -4.57 -7.60 22.07
N ASP A 6 -4.27 -8.80 22.61
CA ASP A 6 -3.35 -8.94 23.75
C ASP A 6 -1.92 -8.83 23.26
N ASP A 7 -0.94 -8.84 24.16
CA ASP A 7 0.45 -8.54 23.83
C ASP A 7 1.10 -9.48 22.84
N ILE A 8 0.78 -10.78 22.95
CA ILE A 8 1.28 -11.84 22.10
C ILE A 8 0.84 -11.53 20.65
N ASP A 9 -0.46 -11.28 20.47
CA ASP A 9 -0.98 -10.88 19.17
C ASP A 9 -0.27 -9.68 18.58
N ARG A 10 0.00 -8.66 19.39
CA ARG A 10 0.82 -7.55 18.96
C ARG A 10 2.21 -7.94 18.49
N ILE A 11 2.97 -8.75 19.25
CA ILE A 11 4.24 -9.24 18.67
C ILE A 11 4.04 -9.97 17.31
N LEU A 12 3.04 -10.86 17.25
CA LEU A 12 2.84 -11.57 15.99
C LEU A 12 2.61 -10.66 14.78
N VAL A 13 1.65 -9.71 14.86
CA VAL A 13 1.26 -8.90 13.72
C VAL A 13 2.38 -7.97 13.39
N ARG A 14 3.11 -7.52 14.41
CA ARG A 14 4.28 -6.73 14.17
C ARG A 14 5.43 -7.47 13.42
N GLU A 15 5.83 -8.67 13.89
CA GLU A 15 6.70 -9.58 13.12
C GLU A 15 6.19 -9.91 11.75
N LEU A 16 4.89 -10.13 11.58
CA LEU A 16 4.43 -10.48 10.22
C LEU A 16 4.33 -9.28 9.25
N ALA A 17 4.18 -8.06 9.81
CA ALA A 17 4.24 -6.82 9.02
C ALA A 17 5.65 -6.69 8.50
N ALA A 18 6.65 -6.93 9.36
CA ALA A 18 8.06 -6.81 8.94
C ALA A 18 8.44 -8.00 8.05
N ASP A 19 7.98 -9.20 8.38
CA ASP A 19 8.33 -10.32 7.54
C ASP A 19 7.20 -11.30 7.35
N GLY A 20 6.57 -11.25 6.19
CA GLY A 20 5.29 -11.92 6.01
C GLY A 20 5.53 -13.38 5.77
N ARG A 21 6.80 -13.74 5.74
CA ARG A 21 7.22 -15.13 5.53
C ARG A 21 8.00 -15.69 6.72
N ALA A 22 8.10 -14.97 7.86
CA ALA A 22 8.40 -15.51 9.18
C ALA A 22 7.85 -16.95 9.16
N THR A 23 8.68 -17.93 9.51
CA THR A 23 8.05 -19.22 9.71
C THR A 23 7.52 -19.36 11.14
N LEU A 24 6.57 -20.29 11.28
CA LEU A 24 6.04 -20.62 12.58
C LEU A 24 7.11 -20.82 13.66
N SER A 25 8.13 -21.68 13.45
CA SER A 25 9.22 -21.78 14.51
C SER A 25 9.84 -20.46 14.90
N GLU A 26 10.19 -19.59 13.94
CA GLU A 26 10.70 -18.22 14.24
C GLU A 26 9.74 -17.39 15.10
N LEU A 27 8.46 -17.40 14.74
CA LEU A 27 7.44 -16.66 15.50
C LEU A 27 7.28 -17.18 16.93
N ALA A 28 7.09 -18.51 17.05
CA ALA A 28 7.07 -19.21 18.34
C ALA A 28 8.25 -18.81 19.22
N THR A 29 9.46 -18.84 18.68
CA THR A 29 10.54 -18.63 19.60
C THR A 29 10.70 -17.14 19.96
N ARG A 30 10.20 -16.25 19.08
CA ARG A 30 9.97 -14.82 19.38
C ARG A 30 8.84 -14.49 20.36
N ALA A 31 7.68 -15.13 20.30
CA ALA A 31 6.63 -14.88 21.30
C ALA A 31 6.68 -15.72 22.58
N GLY A 32 7.68 -16.61 22.69
CA GLY A 32 7.73 -17.60 23.77
C GLY A 32 6.57 -18.57 23.73
N LEU A 33 6.25 -19.12 22.57
CA LEU A 33 5.13 -20.08 22.55
C LEU A 33 5.51 -21.33 21.82
N SER A 34 4.63 -22.31 21.87
CA SER A 34 4.79 -23.49 21.02
C SER A 34 4.42 -23.16 19.55
N VAL A 35 4.92 -23.94 18.62
CA VAL A 35 4.61 -23.71 17.25
C VAL A 35 3.12 -23.92 17.02
N SER A 36 2.47 -24.86 17.72
CA SER A 36 1.01 -25.02 17.58
C SER A 36 0.16 -23.83 18.09
N ALA A 37 0.64 -23.21 19.17
CA ALA A 37 -0.07 -22.08 19.75
C ALA A 37 0.02 -20.89 18.76
N VAL A 38 1.18 -20.70 18.15
CA VAL A 38 1.39 -19.70 17.15
C VAL A 38 0.49 -19.93 15.98
N GLN A 39 0.39 -21.14 15.52
CA GLN A 39 -0.45 -21.42 14.37
C GLN A 39 -1.87 -21.01 14.65
N SER A 40 -2.29 -21.33 15.82
CA SER A 40 -3.63 -21.16 16.23
C SER A 40 -4.01 -19.66 16.38
N ARG A 41 -3.17 -18.87 17.09
CA ARG A 41 -3.23 -17.44 17.20
C ARG A 41 -3.25 -16.77 15.79
N VAL A 42 -2.31 -17.14 14.91
CA VAL A 42 -2.31 -16.63 13.57
C VAL A 42 -3.59 -16.92 12.84
N ARG A 43 -4.05 -18.16 12.81
CA ARG A 43 -5.37 -18.47 12.23
C ARG A 43 -6.50 -17.58 12.76
N ARG A 44 -6.46 -17.20 14.02
CA ARG A 44 -7.55 -16.43 14.59
C ARG A 44 -7.51 -14.95 14.07
N LEU A 45 -6.32 -14.35 14.09
CA LEU A 45 -5.94 -13.14 13.43
C LEU A 45 -6.41 -13.10 11.99
N GLU A 46 -6.25 -14.17 11.24
CA GLU A 46 -6.77 -14.16 9.90
C GLU A 46 -8.29 -14.18 9.82
N SER A 47 -8.98 -14.81 10.78
CA SER A 47 -10.42 -15.06 10.59
C SER A 47 -11.29 -13.93 11.20
N ARG A 48 -10.78 -13.25 12.25
CA ARG A 48 -11.20 -11.89 12.58
C ARG A 48 -10.56 -11.12 11.43
N GLY A 49 -10.73 -9.85 11.25
CA GLY A 49 -10.06 -9.47 9.98
C GLY A 49 -8.74 -8.79 10.21
N VAL A 50 -7.99 -9.23 11.22
CA VAL A 50 -6.79 -8.48 11.59
C VAL A 50 -5.67 -8.59 10.53
N VAL A 51 -5.40 -9.79 10.02
CA VAL A 51 -4.46 -10.01 8.93
C VAL A 51 -5.31 -10.28 7.67
N GLN A 52 -5.14 -9.41 6.67
CA GLN A 52 -6.05 -9.38 5.55
C GLN A 52 -5.47 -10.28 4.51
N GLY A 53 -4.16 -10.54 4.57
CA GLY A 53 -3.54 -11.52 3.62
C GLY A 53 -2.04 -11.23 3.62
N TYR A 54 -1.30 -11.82 2.66
CA TYR A 54 0.16 -11.73 2.62
C TYR A 54 0.65 -11.44 1.22
N SER A 55 1.66 -10.61 1.05
CA SER A 55 1.98 -10.16 -0.31
C SER A 55 3.42 -9.89 -0.42
N ALA A 56 3.97 -10.26 -1.57
CA ALA A 56 5.31 -9.76 -1.94
C ALA A 56 5.16 -8.28 -2.31
N ARG A 57 6.03 -7.43 -1.76
CA ARG A 57 6.11 -6.04 -2.16
C ARG A 57 6.96 -6.01 -3.46
N ILE A 58 6.26 -5.91 -4.59
CA ILE A 58 6.88 -5.83 -5.93
C ILE A 58 7.31 -4.42 -6.41
N ASN A 59 8.47 -4.28 -7.03
CA ASN A 59 8.99 -2.97 -7.52
C ASN A 59 8.21 -2.71 -8.77
N PRO A 60 7.41 -1.63 -8.79
CA PRO A 60 6.49 -1.42 -9.94
C PRO A 60 7.30 -1.08 -11.21
N GLU A 61 8.40 -0.36 -11.06
CA GLU A 61 9.31 -0.13 -12.21
C GLU A 61 9.89 -1.36 -12.88
N ALA A 62 10.35 -2.34 -12.11
CA ALA A 62 10.80 -3.62 -12.68
C ALA A 62 9.72 -4.36 -13.53
N VAL A 63 8.44 -4.30 -13.17
CA VAL A 63 7.46 -5.00 -14.01
C VAL A 63 6.84 -4.13 -15.10
N GLY A 64 7.34 -2.91 -15.36
CA GLY A 64 6.73 -2.11 -16.45
C GLY A 64 5.88 -0.85 -16.17
N HIS A 65 5.48 -0.66 -14.91
CA HIS A 65 4.75 0.49 -14.44
C HIS A 65 5.69 1.62 -14.15
N LEU A 66 5.97 2.37 -15.21
CA LEU A 66 6.83 3.49 -15.13
C LEU A 66 6.16 4.78 -14.71
N LEU A 67 4.82 4.84 -14.70
CA LEU A 67 4.11 6.03 -14.30
C LEU A 67 3.05 5.66 -13.28
N SER A 68 2.94 6.41 -12.21
CA SER A 68 1.94 6.19 -11.20
C SER A 68 1.28 7.48 -10.94
N ALA A 69 -0.01 7.44 -10.61
CA ALA A 69 -0.72 8.67 -10.35
C ALA A 69 -1.83 8.50 -9.32
N PHE A 70 -2.12 9.55 -8.58
CA PHE A 70 -3.34 9.60 -7.80
C PHE A 70 -4.44 10.19 -8.72
N VAL A 71 -5.60 9.53 -8.76
CA VAL A 71 -6.69 10.17 -9.45
C VAL A 71 -7.90 10.38 -8.55
N ALA A 72 -8.22 11.64 -8.31
CA ALA A 72 -9.45 11.92 -7.54
C ALA A 72 -10.69 11.87 -8.47
N ILE A 73 -11.80 11.30 -8.06
CA ILE A 73 -12.91 11.16 -8.97
C ILE A 73 -14.17 11.63 -8.29
N THR A 74 -14.99 12.28 -9.09
CA THR A 74 -16.24 12.76 -8.57
C THR A 74 -17.41 12.47 -9.52
N PRO A 75 -18.49 11.83 -9.05
CA PRO A 75 -19.72 11.44 -9.82
C PRO A 75 -20.27 12.54 -10.65
N LEU A 76 -20.49 12.26 -11.92
CA LEU A 76 -21.09 13.20 -12.85
C LEU A 76 -22.57 13.53 -12.48
N ASP A 77 -23.20 12.62 -11.77
CA ASP A 77 -24.51 12.82 -11.30
C ASP A 77 -24.58 12.06 -9.99
N PRO A 78 -24.44 12.76 -8.84
CA PRO A 78 -24.41 12.14 -7.49
C PRO A 78 -25.73 11.67 -6.86
N SER A 79 -26.83 11.75 -7.64
CA SER A 79 -28.20 11.36 -7.14
C SER A 79 -28.34 9.85 -6.75
N GLN A 80 -28.22 8.95 -7.76
CA GLN A 80 -28.31 7.48 -7.50
C GLN A 80 -27.08 7.04 -6.67
N PRO A 81 -27.26 6.01 -5.75
CA PRO A 81 -26.08 5.54 -5.01
C PRO A 81 -24.97 5.04 -5.97
N ASP A 82 -23.82 4.82 -5.35
CA ASP A 82 -22.53 4.93 -5.99
C ASP A 82 -21.97 3.55 -6.15
N ASP A 83 -21.71 3.19 -7.38
CA ASP A 83 -21.18 1.87 -7.59
C ASP A 83 -19.69 1.95 -8.00
N ALA A 84 -19.11 3.15 -7.93
CA ALA A 84 -17.78 3.46 -8.53
C ALA A 84 -16.69 2.48 -8.11
N PRO A 85 -16.50 2.21 -6.80
CA PRO A 85 -15.56 1.16 -6.41
C PRO A 85 -15.81 -0.18 -7.07
N ALA A 86 -17.05 -0.69 -6.96
CA ALA A 86 -17.51 -1.95 -7.61
C ALA A 86 -17.24 -1.93 -9.09
N ARG A 87 -17.66 -0.88 -9.78
CA ARG A 87 -17.45 -0.82 -11.21
C ARG A 87 -15.98 -0.65 -11.64
N LEU A 88 -15.08 -0.18 -10.78
CA LEU A 88 -13.70 0.05 -11.23
C LEU A 88 -12.84 -1.15 -10.86
N GLU A 89 -13.42 -2.03 -10.06
CA GLU A 89 -12.74 -3.21 -9.58
C GLU A 89 -12.25 -4.02 -10.78
N HIS A 90 -12.89 -3.86 -11.93
CA HIS A 90 -12.54 -4.61 -13.13
C HIS A 90 -11.34 -4.10 -13.91
N ILE A 91 -10.88 -2.90 -13.54
CA ILE A 91 -9.73 -2.26 -14.18
C ILE A 91 -8.48 -2.59 -13.38
N GLU A 92 -7.61 -3.37 -13.96
CA GLU A 92 -6.52 -3.95 -13.22
C GLU A 92 -5.50 -2.91 -12.85
N GLU A 93 -5.40 -1.87 -13.66
CA GLU A 93 -4.45 -0.90 -13.26
C GLU A 93 -4.85 0.00 -12.10
N VAL A 94 -6.09 -0.11 -11.62
CA VAL A 94 -6.35 0.58 -10.39
C VAL A 94 -5.98 -0.18 -9.13
N GLU A 95 -4.96 0.23 -8.41
CA GLU A 95 -4.46 -0.56 -7.33
C GLU A 95 -5.09 -0.25 -6.00
N SER A 96 -5.66 0.94 -5.79
CA SER A 96 -6.29 1.27 -4.49
C SER A 96 -7.44 2.21 -4.76
N CYS A 97 -8.42 2.19 -3.89
CA CYS A 97 -9.59 3.00 -4.08
C CYS A 97 -10.12 3.40 -2.69
N TYR A 98 -10.17 4.69 -2.41
CA TYR A 98 -10.57 5.17 -1.08
C TYR A 98 -11.69 6.15 -1.22
N SER A 99 -12.66 6.11 -0.32
CA SER A 99 -13.56 7.29 -0.33
C SER A 99 -13.00 8.32 0.66
N VAL A 100 -13.37 9.57 0.49
CA VAL A 100 -12.57 10.66 1.03
C VAL A 100 -13.59 11.77 1.34
N ALA A 101 -13.34 12.58 2.35
CA ALA A 101 -14.12 13.78 2.61
C ALA A 101 -13.69 14.93 1.71
N GLY A 102 -14.53 15.95 1.53
CA GLY A 102 -14.23 17.17 0.77
C GLY A 102 -14.90 17.17 -0.58
N GLU A 103 -14.21 17.69 -1.55
CA GLU A 103 -14.90 18.07 -2.75
C GLU A 103 -15.09 16.90 -3.67
N GLU A 104 -14.14 15.97 -3.68
CA GLU A 104 -14.15 14.78 -4.53
C GLU A 104 -14.63 13.58 -3.77
N SER A 105 -15.06 12.51 -4.44
CA SER A 105 -15.61 11.39 -3.64
C SER A 105 -14.68 10.20 -3.51
N TYR A 106 -13.78 9.97 -4.47
CA TYR A 106 -12.80 8.91 -4.21
C TYR A 106 -11.48 9.31 -4.74
N VAL A 107 -10.43 8.71 -4.16
CA VAL A 107 -9.12 8.82 -4.65
C VAL A 107 -8.69 7.41 -5.10
N LEU A 108 -8.18 7.31 -6.32
CA LEU A 108 -7.52 6.08 -6.75
C LEU A 108 -6.03 6.22 -6.83
N LEU A 109 -5.34 5.10 -6.62
CA LEU A 109 -3.94 5.05 -7.03
C LEU A 109 -3.86 4.11 -8.23
N VAL A 110 -3.18 4.57 -9.23
CA VAL A 110 -3.22 3.91 -10.51
C VAL A 110 -1.81 3.74 -11.06
N ARG A 111 -1.54 2.63 -11.74
CA ARG A 111 -0.17 2.45 -12.34
C ARG A 111 -0.17 2.01 -13.77
N VAL A 112 0.72 2.59 -14.57
CA VAL A 112 0.58 2.47 -16.02
C VAL A 112 1.95 2.44 -16.71
N ALA A 113 1.97 2.05 -17.96
CA ALA A 113 3.27 1.96 -18.63
C ALA A 113 3.83 3.31 -19.03
N SER A 114 3.01 4.29 -19.35
CA SER A 114 3.53 5.53 -19.97
C SER A 114 2.47 6.65 -19.89
N ALA A 115 2.84 7.83 -20.36
CA ALA A 115 1.94 8.95 -20.50
C ALA A 115 0.82 8.55 -21.40
N ARG A 116 1.11 7.98 -22.56
CA ARG A 116 -0.06 7.63 -23.36
C ARG A 116 -0.91 6.54 -22.78
N ALA A 117 -0.35 5.62 -22.00
CA ALA A 117 -1.24 4.66 -21.41
C ALA A 117 -2.09 5.38 -20.36
N LEU A 118 -1.51 6.39 -19.69
CA LEU A 118 -2.33 7.10 -18.70
C LEU A 118 -3.53 7.79 -19.39
N GLU A 119 -3.33 8.40 -20.54
CA GLU A 119 -4.48 9.03 -21.06
C GLU A 119 -5.64 8.08 -21.46
N ASP A 120 -5.27 6.89 -21.92
CA ASP A 120 -6.25 5.92 -22.27
C ASP A 120 -6.96 5.42 -21.03
N LEU A 121 -6.20 5.24 -19.95
CA LEU A 121 -6.82 4.79 -18.71
C LEU A 121 -7.77 5.86 -18.14
N LEU A 122 -7.43 7.15 -18.26
CA LEU A 122 -8.35 8.16 -17.67
C LEU A 122 -9.71 8.09 -18.40
N GLN A 123 -9.66 7.97 -19.72
CA GLN A 123 -10.91 7.68 -20.47
C GLN A 123 -11.64 6.47 -19.98
N ARG A 124 -10.97 5.33 -19.78
CA ARG A 124 -11.74 4.19 -19.26
C ARG A 124 -12.33 4.51 -17.94
N ILE A 125 -11.58 5.19 -17.06
CA ILE A 125 -12.17 5.54 -15.76
C ILE A 125 -13.42 6.49 -15.88
N ARG A 126 -13.31 7.55 -16.68
CA ARG A 126 -14.42 8.48 -16.78
C ARG A 126 -15.62 7.72 -17.30
N THR A 127 -15.44 6.86 -18.32
CA THR A 127 -16.61 6.20 -18.82
C THR A 127 -17.12 5.09 -17.95
N THR A 128 -16.27 4.31 -17.31
CA THR A 128 -16.88 3.23 -16.60
C THR A 128 -17.52 3.65 -15.28
N ALA A 129 -17.10 4.73 -14.63
CA ALA A 129 -17.77 5.05 -13.36
C ALA A 129 -18.58 6.33 -13.51
N ASN A 130 -18.43 7.00 -14.66
CA ASN A 130 -19.28 8.13 -14.95
C ASN A 130 -18.95 9.31 -14.00
N VAL A 131 -17.71 9.81 -14.11
CA VAL A 131 -17.02 10.51 -13.03
C VAL A 131 -16.18 11.54 -13.78
N ARG A 132 -15.90 12.69 -13.20
CA ARG A 132 -14.73 13.48 -13.73
C ARG A 132 -13.50 13.14 -12.91
N THR A 133 -12.32 13.48 -13.46
CA THR A 133 -11.10 13.04 -12.83
C THR A 133 -10.17 14.18 -12.58
N ARG A 134 -9.38 14.11 -11.52
CA ARG A 134 -8.30 15.15 -11.35
C ARG A 134 -7.06 14.33 -11.05
N SER A 135 -6.01 14.53 -11.81
CA SER A 135 -4.86 13.58 -11.77
C SER A 135 -3.70 14.19 -11.14
N THR A 136 -3.02 13.47 -10.25
CA THR A 136 -1.74 13.93 -9.66
C THR A 136 -0.69 12.89 -9.93
N ILE A 137 0.14 13.17 -10.94
CA ILE A 137 1.25 12.24 -11.22
C ILE A 137 2.23 12.15 -10.06
N ILE A 138 2.69 10.95 -9.74
CA ILE A 138 3.69 10.75 -8.71
C ILE A 138 5.07 10.82 -9.36
N LEU A 139 6.02 11.59 -8.82
CA LEU A 139 7.32 11.72 -9.48
C LEU A 139 8.30 10.67 -8.89
N ASN A 140 8.19 10.43 -7.57
CA ASN A 140 9.04 9.56 -6.87
C ASN A 140 8.39 9.04 -5.54
N THR A 141 8.62 7.78 -5.19
CA THR A 141 8.12 7.17 -3.98
C THR A 141 9.30 7.12 -3.03
N PHE A 142 9.30 7.88 -1.95
CA PHE A 142 10.38 7.80 -1.00
C PHE A 142 10.29 6.61 -0.09
N TYR A 143 9.08 6.21 0.30
CA TYR A 143 8.89 5.02 1.13
C TYR A 143 7.39 4.76 1.19
N SER A 144 7.00 3.51 1.30
CA SER A 144 5.60 3.27 1.42
C SER A 144 5.25 2.03 2.24
N ASP A 145 4.00 1.95 2.64
CA ASP A 145 3.55 0.82 3.40
C ASP A 145 4.39 0.62 4.60
N ARG A 146 4.80 1.66 5.24
CA ARG A 146 5.60 1.38 6.32
C ARG A 146 4.60 1.23 7.50
N GLN A 147 4.07 0.01 7.70
CA GLN A 147 2.92 -0.26 8.60
C GLN A 147 3.40 -0.18 10.00
N HIS A 148 2.63 0.48 10.86
CA HIS A 148 3.02 0.82 12.23
C HIS A 148 2.04 0.19 13.24
N ILE A 149 2.59 -0.65 14.11
CA ILE A 149 1.79 -1.31 15.15
C ILE A 149 2.13 -0.70 16.50
N PRO A 150 1.19 0.08 17.09
CA PRO A 150 1.49 0.80 18.37
C PRO A 150 1.33 -0.10 19.66
N ALA B 4 14.75 -7.36 -18.96
CA ALA B 4 13.96 -8.64 -19.13
C ALA B 4 13.22 -9.11 -17.85
N LEU B 5 12.01 -9.64 -18.03
CA LEU B 5 11.41 -10.52 -17.05
C LEU B 5 10.80 -11.74 -17.75
N ASP B 6 11.64 -12.74 -17.91
CA ASP B 6 11.25 -14.06 -18.36
C ASP B 6 9.87 -14.46 -17.80
N ASP B 7 8.85 -14.64 -18.65
CA ASP B 7 7.50 -14.82 -18.10
C ASP B 7 7.20 -16.13 -17.31
N ILE B 8 8.27 -16.84 -16.95
CA ILE B 8 8.19 -17.76 -15.81
C ILE B 8 8.27 -16.89 -14.55
N ASP B 9 9.34 -16.06 -14.48
CA ASP B 9 9.43 -14.91 -13.55
C ASP B 9 8.09 -14.13 -13.38
N ARG B 10 7.30 -13.97 -14.45
CA ARG B 10 6.03 -13.27 -14.34
C ARG B 10 4.99 -14.07 -13.58
N ILE B 11 4.76 -15.34 -13.94
CA ILE B 11 3.83 -16.19 -13.19
C ILE B 11 4.29 -16.28 -11.72
N LEU B 12 5.59 -16.11 -11.49
CA LEU B 12 6.14 -16.16 -10.14
C LEU B 12 5.76 -14.98 -9.28
N VAL B 13 6.01 -13.77 -9.81
CA VAL B 13 5.64 -12.56 -9.09
C VAL B 13 4.12 -12.37 -9.01
N ARG B 14 3.32 -12.91 -9.93
CA ARG B 14 1.85 -12.78 -9.82
C ARG B 14 1.34 -13.58 -8.65
N GLU B 15 1.82 -14.83 -8.57
CA GLU B 15 1.52 -15.77 -7.48
C GLU B 15 1.96 -15.25 -6.10
N LEU B 16 3.13 -14.62 -6.07
CA LEU B 16 3.63 -14.01 -4.85
C LEU B 16 2.95 -12.70 -4.44
N ALA B 17 2.40 -11.98 -5.42
CA ALA B 17 1.76 -10.70 -5.08
C ALA B 17 0.46 -11.03 -4.38
N ALA B 18 -0.31 -11.96 -4.91
CA ALA B 18 -1.54 -12.41 -4.25
C ALA B 18 -1.36 -13.29 -2.97
N ASP B 19 -0.17 -13.85 -2.76
CA ASP B 19 0.09 -14.76 -1.64
C ASP B 19 1.54 -14.77 -1.23
N GLY B 20 1.92 -13.92 -0.29
CA GLY B 20 3.31 -13.89 0.11
C GLY B 20 3.82 -15.16 0.79
N ARG B 21 2.89 -16.02 1.22
CA ARG B 21 3.24 -17.24 1.94
C ARG B 21 3.05 -18.49 1.11
N ALA B 22 2.62 -18.38 -0.14
CA ALA B 22 2.77 -19.51 -1.07
C ALA B 22 4.14 -20.12 -0.73
N THR B 23 4.20 -21.45 -0.67
CA THR B 23 5.51 -22.09 -0.40
C THR B 23 6.19 -22.59 -1.65
N LEU B 24 7.54 -22.53 -1.60
CA LEU B 24 8.45 -22.98 -2.67
C LEU B 24 7.89 -24.20 -3.42
N SER B 25 7.37 -25.17 -2.65
CA SER B 25 6.70 -26.34 -3.25
C SER B 25 5.45 -26.03 -4.12
N GLU B 26 4.36 -25.49 -3.53
CA GLU B 26 3.09 -25.17 -4.28
C GLU B 26 3.27 -24.17 -5.42
N LEU B 27 4.40 -23.47 -5.43
CA LEU B 27 4.69 -22.55 -6.51
C LEU B 27 5.15 -23.38 -7.66
N ALA B 28 6.40 -23.86 -7.59
CA ALA B 28 6.98 -24.84 -8.53
C ALA B 28 6.02 -25.71 -9.36
N THR B 29 4.89 -26.15 -8.77
CA THR B 29 3.86 -26.89 -9.54
C THR B 29 3.17 -26.00 -10.59
N ARG B 30 2.14 -25.23 -10.19
CA ARG B 30 1.52 -24.19 -11.04
C ARG B 30 2.53 -23.28 -11.83
N ALA B 31 3.82 -23.33 -11.47
CA ALA B 31 4.94 -22.72 -12.27
C ALA B 31 5.49 -23.57 -13.46
N GLY B 32 5.38 -24.92 -13.36
CA GLY B 32 6.01 -25.89 -14.28
C GLY B 32 7.53 -25.94 -14.10
N LEU B 33 7.98 -26.11 -12.86
CA LEU B 33 9.43 -26.16 -12.50
C LEU B 33 9.76 -27.07 -11.27
N SER B 34 10.99 -26.98 -10.76
CA SER B 34 11.44 -27.76 -9.57
C SER B 34 11.56 -26.88 -8.30
N VAL B 35 11.35 -27.47 -7.10
CA VAL B 35 11.48 -26.71 -5.83
C VAL B 35 12.89 -26.12 -5.61
N SER B 36 13.70 -26.12 -6.66
CA SER B 36 15.11 -25.72 -6.61
C SER B 36 15.38 -24.64 -7.65
N ALA B 37 14.89 -24.91 -8.86
CA ALA B 37 14.76 -23.92 -9.92
C ALA B 37 13.92 -22.73 -9.39
N VAL B 38 12.60 -22.95 -9.18
CA VAL B 38 11.74 -21.98 -8.49
C VAL B 38 12.51 -21.30 -7.37
N GLN B 39 13.15 -22.10 -6.54
CA GLN B 39 13.72 -21.56 -5.35
C GLN B 39 14.86 -20.61 -5.60
N SER B 40 15.69 -20.91 -6.59
CA SER B 40 16.86 -20.02 -6.78
C SER B 40 16.44 -18.73 -7.49
N ARG B 41 15.55 -18.84 -8.48
CA ARG B 41 14.95 -17.71 -9.22
C ARG B 41 14.46 -16.58 -8.29
N VAL B 42 13.68 -17.00 -7.28
CA VAL B 42 13.08 -16.17 -6.25
C VAL B 42 14.17 -15.45 -5.47
N ARG B 43 15.35 -16.06 -5.33
CA ARG B 43 16.47 -15.42 -4.61
C ARG B 43 17.16 -14.33 -5.46
N ARG B 44 17.08 -14.45 -6.78
CA ARG B 44 17.67 -13.45 -7.68
C ARG B 44 16.67 -12.29 -7.89
N LEU B 45 15.39 -12.63 -7.87
CA LEU B 45 14.33 -11.62 -7.81
C LEU B 45 14.49 -10.66 -6.60
N GLU B 46 14.88 -11.16 -5.44
CA GLU B 46 15.08 -10.30 -4.27
C GLU B 46 16.40 -9.55 -4.33
N SER B 47 17.30 -10.14 -5.10
CA SER B 47 18.65 -9.62 -5.27
C SER B 47 18.59 -8.44 -6.27
N ARG B 48 18.28 -8.73 -7.55
CA ARG B 48 17.83 -7.70 -8.49
C ARG B 48 16.65 -7.15 -7.67
N GLY B 49 16.53 -5.86 -7.43
CA GLY B 49 15.46 -5.43 -6.47
C GLY B 49 13.98 -5.48 -6.93
N VAL B 50 13.55 -6.62 -7.44
CA VAL B 50 12.20 -6.81 -8.02
C VAL B 50 11.14 -7.19 -6.94
N VAL B 51 11.45 -8.15 -6.07
CA VAL B 51 10.65 -8.28 -4.88
C VAL B 51 11.45 -7.67 -3.76
N GLN B 52 10.82 -6.73 -3.07
CA GLN B 52 11.50 -5.93 -2.09
C GLN B 52 11.32 -6.41 -0.69
N GLY B 53 10.41 -7.36 -0.47
CA GLY B 53 10.02 -7.71 0.90
C GLY B 53 8.75 -8.53 0.86
N TYR B 54 8.30 -9.01 2.04
CA TYR B 54 7.07 -9.75 2.16
C TYR B 54 6.40 -9.16 3.33
N SER B 55 5.09 -8.95 3.24
CA SER B 55 4.47 -8.27 4.36
C SER B 55 3.09 -8.85 4.57
N ALA B 56 2.64 -8.93 5.79
CA ALA B 56 1.29 -9.21 5.96
C ALA B 56 0.59 -7.87 5.95
N ARG B 57 -0.62 -7.93 5.43
CA ARG B 57 -1.53 -6.82 5.35
C ARG B 57 -2.43 -6.69 6.58
N ILE B 58 -2.00 -5.79 7.43
CA ILE B 58 -2.67 -5.54 8.64
C ILE B 58 -3.85 -4.57 8.50
N ASN B 59 -5.07 -4.97 8.89
CA ASN B 59 -6.16 -4.03 9.05
C ASN B 59 -5.79 -2.92 10.07
N PRO B 60 -5.72 -1.60 9.65
CA PRO B 60 -5.33 -0.49 10.58
C PRO B 60 -6.36 -0.11 11.67
N GLU B 61 -7.67 -0.25 11.41
CA GLU B 61 -8.68 -0.01 12.47
C GLU B 61 -8.56 -1.00 13.60
N ALA B 62 -8.34 -2.27 13.24
CA ALA B 62 -8.16 -3.39 14.18
C ALA B 62 -7.03 -3.24 15.16
N VAL B 63 -6.04 -2.43 14.81
CA VAL B 63 -4.90 -2.08 15.68
C VAL B 63 -5.03 -0.66 16.24
N GLY B 64 -6.20 -0.04 16.05
CA GLY B 64 -6.44 1.29 16.63
C GLY B 64 -6.13 2.55 15.80
N HIS B 65 -5.90 2.42 14.50
CA HIS B 65 -5.80 3.57 13.57
C HIS B 65 -7.18 3.77 13.03
N LEU B 66 -7.94 4.64 13.69
CA LEU B 66 -9.37 4.89 13.34
C LEU B 66 -9.56 5.99 12.25
N LEU B 67 -8.52 6.78 12.04
CA LEU B 67 -8.51 7.82 11.06
C LEU B 67 -7.23 7.73 10.24
N SER B 68 -7.39 7.58 8.92
CA SER B 68 -6.32 7.70 7.97
C SER B 68 -6.51 8.99 7.12
N ALA B 69 -5.44 9.53 6.50
CA ALA B 69 -5.54 10.79 5.80
C ALA B 69 -4.40 10.89 4.85
N PHE B 70 -4.66 11.57 3.74
CA PHE B 70 -3.64 12.05 2.84
C PHE B 70 -3.27 13.44 3.28
N VAL B 71 -2.02 13.72 3.45
CA VAL B 71 -1.68 15.00 3.87
C VAL B 71 -0.78 15.55 2.80
N ALA B 72 -1.21 16.62 2.14
CA ALA B 72 -0.46 17.22 1.06
C ALA B 72 0.42 18.30 1.70
N ILE B 73 1.73 18.31 1.38
CA ILE B 73 2.64 19.28 2.01
C ILE B 73 3.50 20.09 1.01
N THR B 74 3.75 21.34 1.34
CA THR B 74 4.62 22.18 0.55
C THR B 74 5.61 22.88 1.49
N PRO B 75 6.94 22.81 1.19
CA PRO B 75 7.89 23.59 2.05
C PRO B 75 7.62 25.11 1.99
N LEU B 76 7.81 25.76 3.11
CA LEU B 76 7.45 27.18 3.31
C LEU B 76 8.52 28.08 2.77
N ASP B 77 9.78 27.66 2.91
CA ASP B 77 10.90 28.46 2.44
C ASP B 77 11.73 27.81 1.31
N PRO B 78 11.62 28.34 0.11
CA PRO B 78 12.34 27.68 -0.98
C PRO B 78 13.87 28.01 -1.04
N SER B 79 14.38 28.80 -0.08
CA SER B 79 15.83 29.04 -0.07
C SER B 79 16.52 27.95 0.73
N GLN B 80 15.77 27.11 1.45
CA GLN B 80 16.34 26.01 2.24
C GLN B 80 16.37 24.74 1.41
N PRO B 81 17.32 23.80 1.66
CA PRO B 81 17.25 22.50 0.98
C PRO B 81 15.91 21.79 1.17
N ASP B 82 15.36 21.20 0.13
CA ASP B 82 14.08 20.56 0.30
C ASP B 82 14.28 19.08 0.68
N ASP B 83 14.32 18.80 1.99
CA ASP B 83 14.58 17.47 2.51
C ASP B 83 13.46 16.85 3.39
N ALA B 84 12.19 17.16 3.07
CA ALA B 84 11.12 16.85 4.00
C ALA B 84 10.92 15.37 4.17
N PRO B 85 11.07 14.55 3.06
CA PRO B 85 11.02 13.09 3.23
C PRO B 85 11.98 12.58 4.31
N ALA B 86 13.25 12.97 4.22
CA ALA B 86 14.25 12.60 5.22
C ALA B 86 13.85 13.22 6.57
N ARG B 87 13.52 14.48 6.61
CA ARG B 87 13.08 15.03 7.85
C ARG B 87 11.89 14.37 8.57
N LEU B 88 11.03 13.65 7.87
CA LEU B 88 9.84 13.11 8.50
C LEU B 88 9.90 11.62 8.70
N GLU B 89 10.99 11.03 8.20
CA GLU B 89 11.07 9.58 8.13
C GLU B 89 10.98 8.94 9.54
N HIS B 90 11.37 9.69 10.58
CA HIS B 90 11.26 9.20 11.89
C HIS B 90 9.86 9.33 12.47
N ILE B 91 8.97 10.14 11.86
CA ILE B 91 7.68 10.11 12.45
C ILE B 91 6.94 8.85 11.94
N GLU B 92 6.58 7.94 12.82
CA GLU B 92 6.09 6.63 12.45
C GLU B 92 4.68 6.55 11.94
N GLU B 93 3.85 7.51 12.26
CA GLU B 93 2.56 7.36 11.65
C GLU B 93 2.51 7.79 10.18
N VAL B 94 3.62 8.31 9.62
CA VAL B 94 3.68 8.46 8.20
C VAL B 94 4.08 7.15 7.51
N GLU B 95 3.08 6.43 7.04
CA GLU B 95 3.20 5.27 6.31
C GLU B 95 3.78 5.47 4.89
N SER B 96 3.51 6.59 4.22
CA SER B 96 3.97 6.76 2.84
C SER B 96 4.28 8.17 2.52
N CYS B 97 5.26 8.32 1.66
CA CYS B 97 5.68 9.63 1.28
C CYS B 97 6.01 9.71 -0.24
N TYR B 98 5.39 10.60 -1.00
CA TYR B 98 5.53 10.66 -2.44
C TYR B 98 5.78 12.11 -2.82
N SER B 99 6.64 12.34 -3.83
CA SER B 99 6.71 13.69 -4.43
C SER B 99 5.80 13.63 -5.57
N VAL B 100 5.27 14.77 -5.95
CA VAL B 100 4.07 14.70 -6.79
C VAL B 100 4.10 15.90 -7.76
N ALA B 101 3.43 15.84 -8.90
CA ALA B 101 3.25 17.05 -9.72
C ALA B 101 1.85 17.49 -9.61
N GLY B 102 1.57 18.44 -8.71
CA GLY B 102 0.29 19.12 -8.67
C GLY B 102 0.41 20.43 -7.98
N GLU B 103 -0.42 20.64 -6.93
CA GLU B 103 -0.33 21.92 -6.19
C GLU B 103 0.67 21.94 -5.08
N GLU B 104 0.82 20.79 -4.46
CA GLU B 104 1.68 20.56 -3.33
C GLU B 104 2.92 19.84 -3.83
N SER B 105 3.96 19.81 -3.03
CA SER B 105 5.22 19.14 -3.36
C SER B 105 5.19 17.66 -3.02
N TYR B 106 4.54 17.25 -1.91
CA TYR B 106 4.54 15.87 -1.55
C TYR B 106 3.17 15.45 -1.05
N VAL B 107 2.87 14.15 -1.05
CA VAL B 107 1.73 13.64 -0.47
C VAL B 107 2.14 12.52 0.51
N LEU B 108 1.54 12.55 1.74
CA LEU B 108 1.79 11.59 2.80
C LEU B 108 0.57 10.77 3.02
N LEU B 109 0.75 9.50 3.38
CA LEU B 109 -0.45 8.83 3.87
C LEU B 109 -0.13 8.60 5.33
N VAL B 110 -1.08 8.88 6.18
CA VAL B 110 -0.85 9.02 7.62
C VAL B 110 -1.95 8.22 8.29
N ARG B 111 -1.67 7.59 9.42
CA ARG B 111 -2.72 6.85 10.17
C ARG B 111 -2.61 7.23 11.61
N VAL B 112 -3.73 7.25 12.30
CA VAL B 112 -3.78 7.98 13.53
C VAL B 112 -5.01 7.48 14.33
N ALA B 113 -4.96 7.73 15.63
CA ALA B 113 -5.95 7.18 16.54
C ALA B 113 -7.33 7.83 16.38
N SER B 114 -7.35 9.15 16.19
CA SER B 114 -8.57 9.91 16.26
C SER B 114 -8.31 11.28 15.59
N ALA B 115 -9.41 11.98 15.28
CA ALA B 115 -9.37 13.39 14.81
C ALA B 115 -8.51 14.30 15.64
N ARG B 116 -8.50 14.11 16.93
CA ARG B 116 -7.64 14.94 17.74
C ARG B 116 -6.15 14.57 17.65
N ALA B 117 -5.84 13.27 17.58
CA ALA B 117 -4.43 12.88 17.31
C ALA B 117 -3.98 13.45 15.89
N LEU B 118 -4.88 13.53 14.90
CA LEU B 118 -4.44 14.13 13.62
C LEU B 118 -4.04 15.55 13.77
N GLU B 119 -4.75 16.26 14.63
CA GLU B 119 -4.39 17.64 14.77
C GLU B 119 -2.96 17.75 15.32
N ASP B 120 -2.67 16.92 16.27
CA ASP B 120 -1.36 16.88 16.82
C ASP B 120 -0.26 16.54 15.83
N LEU B 121 -0.54 15.48 15.08
CA LEU B 121 0.40 15.03 14.15
C LEU B 121 0.68 16.12 13.11
N LEU B 122 -0.33 16.87 12.69
CA LEU B 122 -0.16 17.90 11.65
C LEU B 122 0.72 18.98 12.15
N GLN B 123 0.56 19.34 13.40
CA GLN B 123 1.36 20.41 13.98
C GLN B 123 2.87 19.98 14.05
N ARG B 124 3.09 18.74 14.41
CA ARG B 124 4.37 18.16 14.38
C ARG B 124 4.95 18.09 12.94
N ILE B 125 4.15 17.67 11.97
CA ILE B 125 4.65 17.71 10.62
C ILE B 125 5.05 19.10 10.26
N ARG B 126 4.20 20.07 10.52
CA ARG B 126 4.57 21.43 10.19
C ARG B 126 5.84 21.87 10.88
N THR B 127 6.03 21.59 12.16
CA THR B 127 7.17 22.26 12.79
C THR B 127 8.45 21.49 12.45
N THR B 128 8.35 20.16 12.37
CA THR B 128 9.49 19.39 11.93
C THR B 128 10.04 19.51 10.46
N ALA B 129 9.24 19.36 9.40
CA ALA B 129 9.77 19.67 8.02
C ALA B 129 9.46 21.12 8.03
N ASN B 130 9.67 21.95 7.02
CA ASN B 130 9.04 23.25 7.45
C ASN B 130 7.89 23.61 6.48
N VAL B 131 6.73 22.97 6.71
CA VAL B 131 5.75 22.85 5.60
C VAL B 131 4.40 23.40 5.91
N ARG B 132 3.62 23.77 4.91
CA ARG B 132 2.20 23.86 5.13
C ARG B 132 1.52 22.53 4.88
N THR B 133 0.37 22.30 5.54
CA THR B 133 -0.30 21.00 5.35
C THR B 133 -1.70 21.21 4.81
N ARG B 134 -2.15 20.27 3.99
CA ARG B 134 -3.48 20.32 3.50
C ARG B 134 -3.89 18.83 3.54
N SER B 135 -4.87 18.53 4.34
CA SER B 135 -5.16 17.12 4.53
C SER B 135 -6.57 16.71 4.08
N THR B 136 -6.65 15.47 3.59
CA THR B 136 -7.87 14.88 3.06
C THR B 136 -8.18 13.57 3.80
N ILE B 137 -9.28 13.54 4.52
CA ILE B 137 -9.63 12.43 5.36
C ILE B 137 -10.23 11.27 4.59
N ILE B 138 -9.68 10.06 4.86
CA ILE B 138 -10.12 8.81 4.22
C ILE B 138 -11.31 8.33 5.06
N LEU B 139 -12.42 8.09 4.41
CA LEU B 139 -13.62 7.58 5.05
C LEU B 139 -13.59 6.01 5.06
N ASN B 140 -13.05 5.42 3.99
CA ASN B 140 -13.15 3.99 3.77
C ASN B 140 -12.19 3.47 2.67
N THR B 141 -11.50 2.37 2.92
CA THR B 141 -10.66 1.72 1.96
C THR B 141 -11.44 0.62 1.26
N PHE B 142 -11.74 0.70 -0.03
CA PHE B 142 -12.51 -0.38 -0.65
C PHE B 142 -11.50 -1.50 -1.03
N TYR B 143 -10.32 -1.11 -1.48
CA TYR B 143 -9.30 -2.09 -1.72
C TYR B 143 -8.05 -1.32 -1.84
N SER B 144 -6.98 -1.98 -1.51
CA SER B 144 -5.76 -1.35 -1.24
C SER B 144 -4.71 -2.30 -1.84
N ASP B 145 -3.49 -1.85 -2.10
CA ASP B 145 -2.52 -2.53 -2.98
C ASP B 145 -2.82 -3.85 -3.62
N ARG B 146 -3.73 -3.86 -4.58
CA ARG B 146 -3.83 -4.95 -5.43
C ARG B 146 -2.96 -4.68 -6.61
N GLN B 147 -1.72 -5.15 -6.49
CA GLN B 147 -0.66 -5.06 -7.48
C GLN B 147 -0.98 -5.83 -8.78
N HIS B 148 -0.76 -5.15 -9.90
CA HIS B 148 -1.01 -5.66 -11.22
C HIS B 148 0.34 -6.07 -11.89
N ILE B 149 0.41 -7.29 -12.42
CA ILE B 149 1.56 -7.75 -13.25
C ILE B 149 1.13 -8.11 -14.68
N PRO B 150 1.52 -7.27 -15.67
CA PRO B 150 1.00 -7.33 -17.07
C PRO B 150 0.96 -8.72 -17.73
N LEU C . -17.14 13.78 -1.23
CA LEU C . -18.34 13.71 -0.33
C LEU C . -18.17 14.60 0.96
O LEU C . -19.12 14.94 1.66
CB LEU C . -18.70 12.22 0.04
CG LEU C . -18.38 11.01 -0.87
CD1 LEU C . -17.93 9.74 -0.10
CD2 LEU C . -19.52 10.66 -1.90
OXT LEU C . -17.10 15.04 1.39
#